data_1WEJ
#
_entry.id   1WEJ
#
_cell.length_a   79.580
_cell.length_b   72.540
_cell.length_c   94.380
_cell.angle_alpha   90.00
_cell.angle_beta   90.00
_cell.angle_gamma   90.00
#
_symmetry.space_group_name_H-M   'P 21 21 21'
#
loop_
_entity.id
_entity.type
_entity.pdbx_description
1 polymer 'E8 ANTIBODY'
2 polymer 'E8 ANTIBODY'
3 polymer 'CYTOCHROME C'
4 non-polymer 'ZINC ION'
5 non-polymer 'PROTOPORPHYRIN IX CONTAINING FE'
6 water water
#
loop_
_entity_poly.entity_id
_entity_poly.type
_entity_poly.pdbx_seq_one_letter_code
_entity_poly.pdbx_strand_id
1 'polypeptide(L)'
;DIQMTQSPASLSASVGETVTITCRASGNIHNYLAWYQQKQGKSPQLLVYNAKTLADGVPSRFSGSGSGTQYSLKINSLQP
EDFGSYYCQHFWSTPWTFGGGTKLEIKRADAAPTVSIFPPSSEQLTSGGASVVCFLNNFYPKDINVKWKIDGSERQNGVL
NSWTDQDSKDSTYSMSSTLTLTKDEYERHNSYTCEATHKTSTSPIVKSFNRNEC
;
L
2 'polypeptide(L)'
;EVQLQQSGAELVKPGASVKLSCTASGFNIKDTYMHWVKQRPEKGLEWIGRIDPASGNTKYDPKFQDKATITADTSSNTAY
LQLSSLTSEDTAVYYCAGYDYGNFDYWGQGTTLTVSSAETTPPSVYPLAPGTAALKSSMVTLGCLVKGYFPEPVTVTWNS
GSLSSGVHTFPAVLQSDLYTLTSSVTVPSSTWPSQTVTCNVAHPASSTKVDKKIVPRNCGGDC
;
H
3 'polypeptide(L)'
;(ACE)GDVEKGKKIFVQKCAQCHTVEKGGKHKTGPNLHGLFGRKTGQAPGFTYTDANKNKGITWKEETLMEYLENPKKYI
PGTKMIFAGIKKKTEREDLIAYLKKATNE
;
F
#
# COMPACT_ATOMS: atom_id res chain seq x y z
N ASP A 1 -11.63 -15.66 12.27
CA ASP A 1 -10.88 -14.57 11.66
C ASP A 1 -11.58 -13.26 11.93
N ILE A 2 -10.80 -12.25 12.26
CA ILE A 2 -11.32 -10.93 12.53
C ILE A 2 -10.88 -9.96 11.44
N GLN A 3 -11.85 -9.23 10.93
CA GLN A 3 -11.66 -8.24 9.88
C GLN A 3 -11.79 -6.85 10.46
N MET A 4 -10.99 -5.92 9.93
CA MET A 4 -11.01 -4.54 10.37
C MET A 4 -11.68 -3.66 9.33
N THR A 5 -12.67 -2.87 9.74
CA THR A 5 -13.34 -1.95 8.84
C THR A 5 -12.84 -0.56 9.17
N GLN A 6 -12.03 0.00 8.27
CA GLN A 6 -11.43 1.32 8.50
C GLN A 6 -12.14 2.42 7.74
N SER A 7 -12.40 3.54 8.41
CA SER A 7 -13.03 4.66 7.75
C SER A 7 -12.47 5.98 8.28
N PRO A 8 -12.44 7.00 7.42
CA PRO A 8 -12.90 6.95 6.03
C PRO A 8 -11.78 6.48 5.13
N ALA A 9 -12.12 5.94 3.95
CA ALA A 9 -11.11 5.49 2.98
C ALA A 9 -10.28 6.67 2.51
N SER A 10 -10.92 7.82 2.44
CA SER A 10 -10.26 9.04 2.01
C SER A 10 -10.61 10.14 2.99
N LEU A 11 -9.65 10.97 3.33
CA LEU A 11 -9.90 12.06 4.25
C LEU A 11 -9.20 13.32 3.76
N SER A 12 -10.00 14.37 3.55
CA SER A 12 -9.48 15.66 3.10
C SER A 12 -9.29 16.60 4.28
N ALA A 13 -8.09 17.11 4.46
CA ALA A 13 -7.85 18.01 5.58
C ALA A 13 -6.83 19.06 5.23
N SER A 14 -6.61 19.98 6.18
CA SER A 14 -5.66 21.08 6.01
C SER A 14 -4.67 21.11 7.16
N VAL A 15 -3.47 21.60 6.90
CA VAL A 15 -2.47 21.74 7.93
C VAL A 15 -3.02 22.58 9.09
N GLY A 16 -2.79 22.12 10.31
CA GLY A 16 -3.28 22.83 11.48
C GLY A 16 -4.58 22.25 12.01
N GLU A 17 -5.24 21.42 11.23
CA GLU A 17 -6.49 20.80 11.65
C GLU A 17 -6.24 19.54 12.45
N THR A 18 -7.25 19.13 13.18
CA THR A 18 -7.21 17.90 13.96
C THR A 18 -8.07 16.90 13.23
N VAL A 19 -7.63 15.65 13.11
CA VAL A 19 -8.44 14.67 12.39
C VAL A 19 -8.49 13.32 13.10
N THR A 20 -9.51 12.53 12.80
CA THR A 20 -9.70 11.23 13.43
C THR A 20 -10.03 10.12 12.43
N ILE A 21 -9.30 9.02 12.54
CA ILE A 21 -9.46 7.83 11.70
C ILE A 21 -10.01 6.72 12.58
N THR A 22 -10.97 5.92 12.11
CA THR A 22 -11.51 4.87 12.98
C THR A 22 -11.40 3.46 12.40
N CYS A 23 -11.28 2.50 13.30
CA CYS A 23 -11.20 1.10 12.92
C CYS A 23 -12.13 0.29 13.79
N ARG A 24 -12.98 -0.50 13.14
CA ARG A 24 -13.92 -1.38 13.81
C ARG A 24 -13.58 -2.83 13.49
N ALA A 25 -13.33 -3.62 14.52
CA ALA A 25 -13.01 -5.03 14.35
C ALA A 25 -14.30 -5.85 14.33
N SER A 26 -14.30 -6.92 13.53
CA SER A 26 -15.48 -7.80 13.43
C SER A 26 -15.70 -8.62 14.70
N GLY A 27 -14.73 -8.57 15.61
CA GLY A 27 -14.82 -9.30 16.88
C GLY A 27 -13.95 -8.58 17.89
N ASN A 28 -14.13 -8.83 19.18
CA ASN A 28 -13.33 -8.15 20.20
C ASN A 28 -11.82 -8.45 20.04
N ILE A 29 -10.98 -7.42 20.01
CA ILE A 29 -9.53 -7.65 19.87
C ILE A 29 -8.71 -7.26 21.12
N HIS A 30 -9.41 -6.92 22.20
CA HIS A 30 -8.82 -6.63 23.51
C HIS A 30 -7.59 -5.71 23.51
N ASN A 31 -7.71 -4.59 22.80
CA ASN A 31 -6.66 -3.56 22.73
C ASN A 31 -5.44 -3.93 21.89
N TYR A 32 -5.45 -5.08 21.26
CA TYR A 32 -4.34 -5.47 20.41
C TYR A 32 -4.55 -4.87 19.02
N LEU A 33 -4.42 -3.55 18.96
CA LEU A 33 -4.64 -2.81 17.73
C LEU A 33 -3.46 -1.86 17.46
N ALA A 34 -2.85 -2.00 16.30
CA ALA A 34 -1.73 -1.15 15.92
C ALA A 34 -2.11 -0.27 14.76
N TRP A 35 -1.42 0.86 14.66
CA TRP A 35 -1.63 1.81 13.58
C TRP A 35 -0.32 2.00 12.86
N TYR A 36 -0.36 1.98 11.54
CA TYR A 36 0.83 2.17 10.72
C TYR A 36 0.62 3.35 9.79
N GLN A 37 1.72 4.03 9.50
CA GLN A 37 1.71 5.16 8.60
C GLN A 37 2.56 4.80 7.40
N GLN A 38 2.08 5.13 6.21
CA GLN A 38 2.82 4.86 5.02
C GLN A 38 2.87 6.09 4.15
N LYS A 39 4.04 6.70 4.06
CA LYS A 39 4.25 7.88 3.23
C LYS A 39 4.35 7.41 1.78
N GLN A 40 3.84 8.21 0.86
CA GLN A 40 3.86 7.88 -0.56
C GLN A 40 5.19 7.30 -1.00
N GLY A 41 5.17 6.07 -1.52
CA GLY A 41 6.37 5.41 -2.03
C GLY A 41 7.32 4.79 -0.98
N LYS A 42 6.97 4.89 0.30
CA LYS A 42 7.83 4.38 1.35
C LYS A 42 7.22 3.14 1.99
N SER A 43 7.99 2.47 2.84
CA SER A 43 7.51 1.30 3.56
C SER A 43 6.65 1.74 4.74
N PRO A 44 5.71 0.90 5.18
CA PRO A 44 4.88 1.30 6.32
C PRO A 44 5.77 1.44 7.55
N GLN A 45 5.34 2.26 8.50
CA GLN A 45 6.05 2.50 9.75
C GLN A 45 5.07 2.36 10.89
N LEU A 46 5.47 1.72 11.99
CA LEU A 46 4.59 1.59 13.15
C LEU A 46 4.40 2.96 13.80
N LEU A 47 3.16 3.30 14.07
CA LEU A 47 2.85 4.60 14.68
C LEU A 47 2.32 4.43 16.11
N VAL A 48 1.39 3.49 16.30
CA VAL A 48 0.82 3.25 17.62
C VAL A 48 0.60 1.75 17.79
N TYR A 49 0.82 1.23 18.98
CA TYR A 49 0.57 -0.20 19.20
C TYR A 49 -0.22 -0.34 20.49
N ASN A 50 -0.89 -1.48 20.64
CA ASN A 50 -1.69 -1.72 21.82
C ASN A 50 -2.77 -0.63 21.99
N ALA A 51 -3.32 -0.20 20.87
CA ALA A 51 -4.37 0.79 20.84
C ALA A 51 -3.97 2.22 21.26
N LYS A 52 -3.14 2.39 22.27
CA LYS A 52 -2.84 3.76 22.70
C LYS A 52 -1.38 4.11 22.92
N THR A 53 -0.47 3.17 22.77
CA THR A 53 0.92 3.48 23.03
C THR A 53 1.64 3.99 21.80
N LEU A 54 2.09 5.24 21.83
CA LEU A 54 2.82 5.78 20.69
C LEU A 54 4.12 5.01 20.49
N ALA A 55 4.43 4.72 19.22
CA ALA A 55 5.64 3.99 18.87
C ALA A 55 6.86 4.89 19.02
N ASP A 56 8.05 4.31 18.94
CA ASP A 56 9.30 5.07 19.07
C ASP A 56 9.37 6.15 18.01
N GLY A 57 9.83 7.33 18.39
CA GLY A 57 9.98 8.43 17.44
C GLY A 57 8.69 9.08 16.96
N VAL A 58 7.54 8.68 17.50
CA VAL A 58 6.30 9.27 17.05
C VAL A 58 5.93 10.49 17.89
N PRO A 59 5.72 11.63 17.23
CA PRO A 59 5.36 12.90 17.85
C PRO A 59 4.07 12.81 18.63
N SER A 60 4.01 13.54 19.73
CA SER A 60 2.84 13.55 20.61
C SER A 60 1.53 14.07 19.96
N ARG A 61 1.57 14.64 18.75
CA ARG A 61 0.33 15.10 18.15
C ARG A 61 -0.55 13.92 17.77
N PHE A 62 0.08 12.75 17.72
CA PHE A 62 -0.63 11.51 17.42
C PHE A 62 -1.10 10.88 18.72
N SER A 63 -2.25 10.23 18.68
CA SER A 63 -2.77 9.55 19.85
C SER A 63 -3.78 8.54 19.40
N GLY A 64 -3.88 7.45 20.15
CA GLY A 64 -4.84 6.42 19.82
C GLY A 64 -5.67 6.10 21.03
N SER A 65 -6.87 5.60 20.83
CA SER A 65 -7.74 5.23 21.94
C SER A 65 -8.72 4.17 21.46
N GLY A 66 -9.48 3.60 22.38
CA GLY A 66 -10.45 2.60 22.00
C GLY A 66 -10.36 1.38 22.87
N SER A 67 -11.28 0.45 22.65
CA SER A 67 -11.33 -0.79 23.39
C SER A 67 -12.38 -1.70 22.76
N GLY A 68 -12.28 -2.99 22.99
CA GLY A 68 -13.25 -3.90 22.41
C GLY A 68 -13.11 -4.02 20.91
N THR A 69 -14.07 -3.46 20.18
CA THR A 69 -14.07 -3.52 18.72
C THR A 69 -13.90 -2.13 18.09
N GLN A 70 -13.95 -1.07 18.89
CA GLN A 70 -13.86 0.28 18.34
C GLN A 70 -12.59 1.03 18.76
N TYR A 71 -11.84 1.51 17.77
CA TYR A 71 -10.59 2.22 18.00
C TYR A 71 -10.44 3.46 17.11
N SER A 72 -9.60 4.40 17.55
CA SER A 72 -9.39 5.64 16.83
C SER A 72 -7.96 6.12 16.91
N LEU A 73 -7.54 6.78 15.83
CA LEU A 73 -6.24 7.39 15.70
C LEU A 73 -6.53 8.88 15.49
N LYS A 74 -6.01 9.70 16.38
CA LYS A 74 -6.25 11.13 16.29
C LYS A 74 -4.95 11.86 16.01
N ILE A 75 -5.01 12.80 15.08
CA ILE A 75 -3.85 13.61 14.77
C ILE A 75 -4.22 15.03 15.10
N ASN A 76 -3.49 15.65 16.01
CA ASN A 76 -3.77 17.03 16.41
C ASN A 76 -2.92 18.01 15.64
N SER A 77 -3.55 19.01 15.05
CA SER A 77 -2.84 20.03 14.29
C SER A 77 -1.91 19.38 13.23
N LEU A 78 -2.54 18.80 12.22
CA LEU A 78 -1.82 18.16 11.14
C LEU A 78 -0.65 18.96 10.62
N GLN A 79 0.43 18.25 10.30
CA GLN A 79 1.61 18.86 9.74
C GLN A 79 1.72 18.44 8.28
N PRO A 80 2.50 19.15 7.46
CA PRO A 80 2.64 18.78 6.05
C PRO A 80 3.15 17.35 5.80
N GLU A 81 3.96 16.85 6.73
CA GLU A 81 4.54 15.52 6.60
C GLU A 81 3.58 14.41 6.97
N ASP A 82 2.42 14.78 7.52
CA ASP A 82 1.46 13.78 7.92
C ASP A 82 0.61 13.27 6.77
N PHE A 83 0.54 14.02 5.68
CA PHE A 83 -0.28 13.55 4.57
C PHE A 83 0.31 12.27 4.00
N GLY A 84 -0.56 11.27 3.88
CA GLY A 84 -0.18 9.97 3.38
C GLY A 84 -1.26 8.98 3.76
N SER A 85 -0.91 7.71 3.87
CA SER A 85 -1.89 6.68 4.21
C SER A 85 -1.67 6.10 5.61
N TYR A 86 -2.76 5.66 6.22
CA TYR A 86 -2.75 5.08 7.56
C TYR A 86 -3.51 3.75 7.54
N TYR A 87 -3.02 2.76 8.26
CA TYR A 87 -3.65 1.44 8.31
C TYR A 87 -3.65 0.87 9.74
N CYS A 88 -4.79 0.30 10.15
CA CYS A 88 -4.83 -0.34 11.44
C CYS A 88 -4.65 -1.82 11.18
N GLN A 89 -4.26 -2.55 12.21
CA GLN A 89 -4.04 -3.99 12.13
C GLN A 89 -4.22 -4.56 13.52
N HIS A 90 -4.97 -5.64 13.65
CA HIS A 90 -5.15 -6.23 14.98
C HIS A 90 -4.14 -7.36 15.17
N PHE A 91 -3.75 -7.62 16.42
CA PHE A 91 -2.81 -8.70 16.73
C PHE A 91 -3.49 -9.74 17.63
N TRP A 92 -4.81 -9.77 17.68
CA TRP A 92 -5.50 -10.69 18.60
C TRP A 92 -5.51 -12.17 18.20
N SER A 93 -5.71 -12.45 16.92
CA SER A 93 -5.77 -13.82 16.47
C SER A 93 -5.42 -13.91 15.00
N THR A 94 -4.99 -15.09 14.57
CA THR A 94 -4.64 -15.29 13.17
C THR A 94 -5.91 -15.35 12.33
N PRO A 95 -5.92 -14.63 11.20
CA PRO A 95 -4.83 -13.78 10.72
C PRO A 95 -4.85 -12.36 11.29
N TRP A 96 -3.66 -11.76 11.40
CA TRP A 96 -3.52 -10.38 11.88
C TRP A 96 -3.87 -9.45 10.72
N THR A 97 -5.15 -9.15 10.56
CA THR A 97 -5.57 -8.37 9.41
C THR A 97 -5.45 -6.85 9.51
N PHE A 98 -5.19 -6.24 8.35
CA PHE A 98 -5.09 -4.78 8.21
C PHE A 98 -6.42 -4.21 7.79
N GLY A 99 -6.72 -3.01 8.24
CA GLY A 99 -7.94 -2.35 7.80
C GLY A 99 -7.69 -1.92 6.35
N GLY A 100 -8.70 -1.43 5.65
CA GLY A 100 -8.55 -1.05 4.26
C GLY A 100 -7.68 0.18 4.01
N GLY A 101 -7.40 0.93 5.07
CA GLY A 101 -6.56 2.11 4.95
C GLY A 101 -7.33 3.41 4.80
N THR A 102 -6.64 4.50 5.15
CA THR A 102 -7.16 5.84 5.03
C THR A 102 -6.12 6.72 4.34
N LYS A 103 -6.49 7.33 3.23
CA LYS A 103 -5.57 8.21 2.55
C LYS A 103 -5.90 9.65 2.90
N LEU A 104 -5.01 10.25 3.68
CA LEU A 104 -5.14 11.61 4.11
C LEU A 104 -4.58 12.53 3.03
N GLU A 105 -5.44 13.36 2.44
CA GLU A 105 -5.02 14.26 1.35
C GLU A 105 -5.28 15.71 1.69
N ILE A 106 -4.72 16.60 0.89
CA ILE A 106 -4.85 18.04 1.11
C ILE A 106 -6.14 18.60 0.55
N LYS A 107 -6.89 19.30 1.40
CA LYS A 107 -8.13 19.92 0.99
C LYS A 107 -7.86 21.23 0.23
N ARG A 108 -8.67 21.47 -0.79
CA ARG A 108 -8.59 22.70 -1.58
C ARG A 108 -9.95 22.94 -2.20
N ALA A 109 -10.11 24.04 -2.94
CA ALA A 109 -11.40 24.35 -3.56
C ALA A 109 -11.71 23.42 -4.71
N ASP A 110 -12.99 23.09 -4.88
CA ASP A 110 -13.40 22.23 -5.98
C ASP A 110 -13.05 22.88 -7.32
N ALA A 111 -12.76 22.04 -8.33
CA ALA A 111 -12.43 22.54 -9.65
C ALA A 111 -12.80 21.48 -10.67
N ALA A 112 -13.46 21.90 -11.73
CA ALA A 112 -13.87 21.00 -12.81
C ALA A 112 -12.66 20.64 -13.66
N PRO A 113 -12.64 19.43 -14.22
CA PRO A 113 -11.47 19.10 -15.03
C PRO A 113 -11.42 19.83 -16.37
N THR A 114 -10.22 20.11 -16.84
CA THR A 114 -10.01 20.68 -18.16
C THR A 114 -9.85 19.46 -19.07
N VAL A 115 -10.82 19.23 -19.96
CA VAL A 115 -10.81 18.06 -20.84
C VAL A 115 -10.28 18.36 -22.24
N SER A 116 -9.34 17.54 -22.69
CA SER A 116 -8.73 17.70 -24.00
C SER A 116 -8.74 16.38 -24.72
N ILE A 117 -9.24 16.36 -25.96
CA ILE A 117 -9.31 15.11 -26.72
C ILE A 117 -8.36 15.14 -27.92
N PHE A 118 -7.80 13.97 -28.24
CA PHE A 118 -6.85 13.88 -29.35
C PHE A 118 -7.11 12.66 -30.21
N PRO A 119 -7.29 12.87 -31.52
CA PRO A 119 -7.54 11.73 -32.42
C PRO A 119 -6.21 10.98 -32.57
N PRO A 120 -6.24 9.79 -33.17
CA PRO A 120 -5.01 9.03 -33.37
C PRO A 120 -4.00 9.85 -34.21
N SER A 121 -2.72 9.80 -33.89
CA SER A 121 -1.72 10.53 -34.67
C SER A 121 -1.55 9.84 -36.02
N SER A 122 -1.12 10.57 -37.05
CA SER A 122 -0.93 9.94 -38.36
C SER A 122 0.14 8.85 -38.24
N GLU A 123 1.11 9.10 -37.36
CA GLU A 123 2.21 8.18 -37.10
C GLU A 123 1.67 6.83 -36.65
N GLN A 124 0.81 6.83 -35.62
CA GLN A 124 0.26 5.58 -35.13
C GLN A 124 -0.60 4.93 -36.19
N LEU A 125 -1.36 5.73 -36.94
CA LEU A 125 -2.23 5.17 -37.99
C LEU A 125 -1.42 4.44 -39.06
N THR A 126 -0.24 4.97 -39.39
CA THR A 126 0.62 4.31 -40.37
C THR A 126 1.05 2.92 -39.84
N SER A 127 1.23 2.82 -38.53
CA SER A 127 1.63 1.57 -37.91
C SER A 127 0.47 0.60 -37.80
N GLY A 128 -0.75 1.09 -38.02
CA GLY A 128 -1.91 0.20 -37.98
C GLY A 128 -2.77 0.30 -36.73
N GLY A 129 -2.39 1.14 -35.78
CA GLY A 129 -3.15 1.29 -34.56
C GLY A 129 -3.89 2.63 -34.52
N ALA A 130 -4.81 2.78 -33.57
CA ALA A 130 -5.56 4.02 -33.44
C ALA A 130 -5.96 4.25 -32.02
N SER A 131 -5.23 5.11 -31.34
CA SER A 131 -5.56 5.43 -29.96
C SER A 131 -6.08 6.84 -29.87
N VAL A 132 -7.26 6.99 -29.27
CA VAL A 132 -7.88 8.29 -29.03
C VAL A 132 -7.57 8.64 -27.56
N VAL A 133 -7.01 9.82 -27.29
CA VAL A 133 -6.65 10.18 -25.91
C VAL A 133 -7.47 11.35 -25.36
N CYS A 134 -7.83 11.26 -24.09
CA CYS A 134 -8.53 12.33 -23.40
C CYS A 134 -7.90 12.62 -22.07
N PHE A 135 -7.43 13.84 -21.89
CA PHE A 135 -6.87 14.26 -20.62
C PHE A 135 -7.95 15.02 -19.85
N LEU A 136 -8.09 14.69 -18.58
CA LEU A 136 -9.03 15.34 -17.67
C LEU A 136 -8.13 15.84 -16.57
N ASN A 137 -7.67 17.08 -16.74
CA ASN A 137 -6.67 17.65 -15.85
C ASN A 137 -7.12 18.71 -14.88
N ASN A 138 -6.37 18.73 -13.77
CA ASN A 138 -6.49 19.67 -12.67
C ASN A 138 -7.86 19.82 -12.06
N PHE A 139 -8.45 18.71 -11.66
CA PHE A 139 -9.76 18.73 -11.01
C PHE A 139 -9.64 18.41 -9.52
N TYR A 140 -10.69 18.75 -8.79
CA TYR A 140 -10.76 18.48 -7.38
C TYR A 140 -12.23 18.45 -6.96
N PRO A 141 -12.66 17.47 -6.14
CA PRO A 141 -11.86 16.38 -5.57
C PRO A 141 -11.48 15.27 -6.55
N LYS A 142 -10.81 14.23 -6.05
CA LYS A 142 -10.26 13.14 -6.87
C LYS A 142 -11.22 12.18 -7.58
N ASP A 143 -12.45 12.03 -7.10
CA ASP A 143 -13.35 11.09 -7.75
C ASP A 143 -13.82 11.64 -9.09
N ILE A 144 -13.72 10.81 -10.11
CA ILE A 144 -14.16 11.22 -11.45
C ILE A 144 -14.47 10.00 -12.30
N ASN A 145 -15.38 10.15 -13.26
CA ASN A 145 -15.71 9.04 -14.14
C ASN A 145 -15.72 9.48 -15.58
N VAL A 146 -15.08 8.68 -16.43
CA VAL A 146 -15.03 8.98 -17.86
C VAL A 146 -15.78 7.89 -18.61
N LYS A 147 -16.42 8.30 -19.69
CA LYS A 147 -17.19 7.39 -20.52
C LYS A 147 -16.86 7.65 -21.99
N TRP A 148 -16.50 6.61 -22.73
CA TRP A 148 -16.20 6.78 -24.16
C TRP A 148 -17.38 6.36 -24.98
N LYS A 149 -17.69 7.14 -26.01
CA LYS A 149 -18.77 6.83 -26.92
C LYS A 149 -18.28 6.85 -28.36
N ILE A 150 -18.64 5.83 -29.12
CA ILE A 150 -18.33 5.73 -30.53
C ILE A 150 -19.68 5.79 -31.28
N ASP A 151 -19.86 6.82 -32.07
CA ASP A 151 -21.12 7.00 -32.78
C ASP A 151 -22.26 6.93 -31.78
N GLY A 152 -22.08 7.63 -30.66
CA GLY A 152 -23.08 7.70 -29.61
C GLY A 152 -23.20 6.49 -28.68
N SER A 153 -22.52 5.39 -28.99
CA SER A 153 -22.58 4.18 -28.17
C SER A 153 -21.39 4.03 -27.21
N GLU A 154 -21.68 3.70 -25.96
CA GLU A 154 -20.63 3.53 -24.97
C GLU A 154 -19.70 2.40 -25.35
N ARG A 155 -18.40 2.64 -25.20
CA ARG A 155 -17.36 1.65 -25.50
C ARG A 155 -16.56 1.36 -24.24
N GLN A 156 -16.46 0.09 -23.84
CA GLN A 156 -15.70 -0.27 -22.66
C GLN A 156 -14.37 -0.92 -23.04
N ASN A 157 -14.42 -1.89 -23.95
CA ASN A 157 -13.23 -2.59 -24.43
C ASN A 157 -12.18 -1.62 -24.97
N GLY A 158 -10.92 -1.90 -24.63
CA GLY A 158 -9.83 -1.10 -25.14
C GLY A 158 -9.55 0.18 -24.41
N VAL A 159 -10.21 0.42 -23.28
CA VAL A 159 -9.96 1.63 -22.49
C VAL A 159 -8.83 1.42 -21.48
N LEU A 160 -7.94 2.40 -21.36
CA LEU A 160 -6.82 2.35 -20.42
C LEU A 160 -6.80 3.66 -19.64
N ASN A 161 -7.12 3.56 -18.36
CA ASN A 161 -7.18 4.74 -17.50
C ASN A 161 -6.00 4.80 -16.55
N SER A 162 -5.56 6.03 -16.25
CA SER A 162 -4.46 6.24 -15.31
C SER A 162 -4.72 7.55 -14.56
N TRP A 163 -4.37 7.60 -13.28
CA TRP A 163 -4.61 8.80 -12.47
C TRP A 163 -3.34 9.24 -11.79
N THR A 164 -3.08 10.54 -11.73
CA THR A 164 -1.90 11.03 -11.04
C THR A 164 -2.22 11.13 -9.56
N ASP A 165 -1.19 11.21 -8.74
CA ASP A 165 -1.42 11.41 -7.32
C ASP A 165 -1.71 12.91 -7.16
N GLN A 166 -2.09 13.36 -5.95
CA GLN A 166 -2.38 14.77 -5.75
C GLN A 166 -1.19 15.65 -6.15
N ASP A 167 -1.46 16.64 -6.99
CA ASP A 167 -0.45 17.52 -7.52
C ASP A 167 0.28 18.30 -6.45
N SER A 168 1.61 18.23 -6.51
CA SER A 168 2.50 18.88 -5.56
C SER A 168 2.30 20.40 -5.48
N LYS A 169 2.06 21.03 -6.62
CA LYS A 169 1.92 22.47 -6.65
C LYS A 169 0.51 23.00 -6.34
N ASP A 170 -0.52 22.46 -6.98
CA ASP A 170 -1.88 23.00 -6.77
C ASP A 170 -2.89 22.09 -6.06
N SER A 171 -2.47 20.90 -5.62
CA SER A 171 -3.31 19.94 -4.89
C SER A 171 -4.50 19.41 -5.68
N THR A 172 -4.42 19.44 -7.00
CA THR A 172 -5.52 18.91 -7.79
C THR A 172 -5.15 17.50 -8.24
N TYR A 173 -6.07 16.87 -8.97
CA TYR A 173 -5.86 15.56 -9.52
C TYR A 173 -6.05 15.60 -11.03
N SER A 174 -5.50 14.62 -11.73
CA SER A 174 -5.62 14.55 -13.19
C SER A 174 -5.79 13.10 -13.61
N MET A 175 -6.33 12.89 -14.80
CA MET A 175 -6.57 11.54 -15.30
C MET A 175 -6.36 11.48 -16.79
N SER A 176 -5.87 10.35 -17.27
CA SER A 176 -5.66 10.11 -18.67
C SER A 176 -6.48 8.90 -19.05
N SER A 177 -7.27 9.01 -20.12
CA SER A 177 -8.06 7.90 -20.60
C SER A 177 -7.77 7.69 -22.09
N THR A 178 -7.23 6.53 -22.43
CA THR A 178 -6.90 6.22 -23.81
C THR A 178 -7.74 5.07 -24.32
N LEU A 179 -8.44 5.31 -25.44
CA LEU A 179 -9.28 4.30 -26.07
C LEU A 179 -8.51 3.79 -27.28
N THR A 180 -8.09 2.51 -27.26
CA THR A 180 -7.35 1.97 -28.38
C THR A 180 -8.18 1.01 -29.24
N LEU A 181 -8.13 1.24 -30.54
CA LEU A 181 -8.81 0.44 -31.56
C LEU A 181 -7.81 0.17 -32.70
N THR A 182 -8.18 -0.72 -33.61
CA THR A 182 -7.33 -0.98 -34.77
C THR A 182 -7.63 0.10 -35.78
N LYS A 183 -6.72 0.36 -36.72
CA LYS A 183 -7.01 1.38 -37.71
C LYS A 183 -8.27 0.99 -38.50
N ASP A 184 -8.44 -0.31 -38.73
CA ASP A 184 -9.60 -0.82 -39.46
C ASP A 184 -10.91 -0.48 -38.75
N GLU A 185 -10.99 -0.75 -37.46
CA GLU A 185 -12.22 -0.42 -36.75
C GLU A 185 -12.37 1.08 -36.65
N TYR A 186 -11.26 1.76 -36.41
CA TYR A 186 -11.31 3.22 -36.32
C TYR A 186 -12.00 3.80 -37.55
N GLU A 187 -11.68 3.25 -38.73
CA GLU A 187 -12.26 3.76 -39.95
C GLU A 187 -13.72 3.31 -40.17
N ARG A 188 -14.24 2.43 -39.31
CA ARG A 188 -15.63 1.97 -39.43
C ARG A 188 -16.58 2.90 -38.66
N HIS A 189 -16.05 3.87 -37.95
CA HIS A 189 -16.88 4.79 -37.16
C HIS A 189 -16.53 6.24 -37.44
N ASN A 190 -17.46 7.15 -37.11
CA ASN A 190 -17.26 8.55 -37.39
C ASN A 190 -16.95 9.41 -36.17
N SER A 191 -17.80 9.39 -35.15
CA SER A 191 -17.59 10.25 -33.98
C SER A 191 -16.99 9.52 -32.77
N TYR A 192 -16.02 10.18 -32.13
CA TYR A 192 -15.37 9.67 -30.95
C TYR A 192 -15.54 10.68 -29.83
N THR A 193 -16.10 10.23 -28.72
CA THR A 193 -16.40 11.12 -27.61
C THR A 193 -15.94 10.62 -26.26
N CYS A 194 -15.44 11.53 -25.44
CA CYS A 194 -15.11 11.16 -24.08
C CYS A 194 -15.89 12.11 -23.18
N GLU A 195 -16.60 11.55 -22.20
CA GLU A 195 -17.44 12.32 -21.30
C GLU A 195 -16.94 12.25 -19.87
N ALA A 196 -16.72 13.40 -19.25
CA ALA A 196 -16.23 13.44 -17.90
C ALA A 196 -17.33 13.88 -16.94
N THR A 197 -17.63 13.05 -15.96
CA THR A 197 -18.60 13.42 -14.95
C THR A 197 -17.84 13.59 -13.64
N HIS A 198 -17.91 14.81 -13.13
CA HIS A 198 -17.24 15.19 -11.88
C HIS A 198 -18.24 15.87 -10.96
N LYS A 199 -18.04 15.77 -9.65
CA LYS A 199 -18.97 16.34 -8.67
C LYS A 199 -19.24 17.85 -8.86
N THR A 200 -18.37 18.54 -9.58
CA THR A 200 -18.56 19.98 -9.80
C THR A 200 -19.80 20.28 -10.66
N SER A 201 -20.36 19.26 -11.31
CA SER A 201 -21.56 19.44 -12.12
C SER A 201 -22.23 18.12 -12.49
N THR A 202 -23.56 18.15 -12.61
CA THR A 202 -24.30 16.97 -13.02
C THR A 202 -24.22 16.83 -14.54
N SER A 203 -23.78 17.92 -15.18
CA SER A 203 -23.62 17.95 -16.62
C SER A 203 -22.26 17.37 -16.97
N PRO A 204 -22.22 16.33 -17.81
CA PRO A 204 -20.89 15.80 -18.13
C PRO A 204 -20.19 16.79 -19.06
N ILE A 205 -18.86 16.83 -18.99
CA ILE A 205 -18.08 17.67 -19.89
C ILE A 205 -17.75 16.77 -21.08
N VAL A 206 -18.30 17.07 -22.24
CA VAL A 206 -18.07 16.20 -23.38
C VAL A 206 -17.23 16.83 -24.47
N LYS A 207 -16.21 16.07 -24.85
CA LYS A 207 -15.30 16.45 -25.91
C LYS A 207 -15.38 15.40 -27.00
N SER A 208 -15.42 15.85 -28.24
CA SER A 208 -15.51 14.90 -29.31
C SER A 208 -14.95 15.45 -30.60
N PHE A 209 -14.80 14.56 -31.55
CA PHE A 209 -14.34 14.92 -32.87
C PHE A 209 -14.91 13.92 -33.86
N ASN A 210 -15.03 14.36 -35.10
CA ASN A 210 -15.49 13.51 -36.17
C ASN A 210 -14.24 13.07 -36.93
N ARG A 211 -14.12 11.78 -37.21
CA ARG A 211 -12.95 11.28 -37.93
C ARG A 211 -12.91 11.89 -39.34
N ASN A 212 -14.07 11.97 -39.97
CA ASN A 212 -14.20 12.44 -41.36
C ASN A 212 -14.45 13.91 -41.51
N GLU A 213 -14.66 14.63 -40.42
CA GLU A 213 -14.94 16.04 -40.55
C GLU A 213 -13.75 16.96 -40.29
N CYS A 214 -13.42 17.68 -41.35
CA CYS A 214 -12.36 18.67 -41.42
C CYS A 214 -12.64 19.48 -42.67
N GLU B 1 21.88 -1.25 15.32
CA GLU B 1 21.34 -0.79 14.05
C GLU B 1 20.53 -1.91 13.36
N VAL B 2 19.22 -1.92 13.55
CA VAL B 2 18.38 -2.93 12.91
C VAL B 2 18.22 -2.59 11.44
N GLN B 3 18.30 -3.62 10.61
CA GLN B 3 18.14 -3.50 9.16
C GLN B 3 17.48 -4.75 8.65
N LEU B 4 16.62 -4.59 7.65
CA LEU B 4 15.93 -5.69 6.99
C LEU B 4 16.16 -5.47 5.52
N GLN B 5 17.05 -6.26 4.92
CA GLN B 5 17.37 -6.11 3.52
C GLN B 5 16.68 -7.16 2.68
N GLN B 6 15.79 -6.70 1.80
CA GLN B 6 15.03 -7.60 0.93
C GLN B 6 15.71 -7.78 -0.44
N SER B 7 15.37 -8.88 -1.13
CA SER B 7 15.92 -9.17 -2.44
C SER B 7 15.46 -8.15 -3.46
N GLY B 8 16.16 -8.11 -4.60
CA GLY B 8 15.85 -7.16 -5.64
C GLY B 8 14.61 -7.48 -6.42
N ALA B 9 14.18 -6.51 -7.22
CA ALA B 9 12.98 -6.63 -8.08
C ALA B 9 13.04 -7.88 -8.94
N GLU B 10 11.86 -8.45 -9.18
CA GLU B 10 11.75 -9.67 -9.94
C GLU B 10 10.71 -9.59 -11.05
N LEU B 11 11.05 -10.23 -12.16
CA LEU B 11 10.21 -10.33 -13.35
C LEU B 11 10.09 -11.81 -13.66
N VAL B 12 8.91 -12.39 -13.47
CA VAL B 12 8.74 -13.81 -13.74
C VAL B 12 7.51 -14.07 -14.62
N LYS B 13 7.52 -15.20 -15.32
CA LYS B 13 6.42 -15.54 -16.21
C LYS B 13 5.27 -16.19 -15.46
N PRO B 14 4.02 -15.99 -15.91
CA PRO B 14 2.88 -16.62 -15.23
C PRO B 14 3.02 -18.14 -15.18
N GLY B 15 2.53 -18.74 -14.10
CA GLY B 15 2.62 -20.19 -13.92
C GLY B 15 3.89 -20.62 -13.21
N ALA B 16 4.90 -19.75 -13.19
CA ALA B 16 6.15 -20.08 -12.52
C ALA B 16 6.06 -19.76 -11.01
N SER B 17 7.13 -19.98 -10.28
CA SER B 17 7.16 -19.67 -8.86
C SER B 17 8.32 -18.74 -8.60
N VAL B 18 8.34 -18.11 -7.43
CA VAL B 18 9.42 -17.21 -7.08
C VAL B 18 9.62 -17.23 -5.57
N LYS B 19 10.83 -16.97 -5.14
CA LYS B 19 11.12 -16.93 -3.73
C LYS B 19 11.84 -15.62 -3.40
N LEU B 20 11.24 -14.86 -2.49
CA LEU B 20 11.82 -13.59 -2.06
C LEU B 20 12.45 -13.80 -0.70
N SER B 21 13.51 -13.05 -0.42
CA SER B 21 14.20 -13.16 0.85
C SER B 21 14.25 -11.83 1.59
N CYS B 22 14.45 -11.94 2.90
CA CYS B 22 14.48 -10.80 3.81
C CYS B 22 15.59 -11.08 4.83
N THR B 23 16.75 -10.45 4.67
CA THR B 23 17.89 -10.67 5.54
C THR B 23 17.99 -9.62 6.65
N ALA B 24 17.99 -10.10 7.89
CA ALA B 24 18.05 -9.19 9.02
C ALA B 24 19.46 -9.02 9.57
N SER B 25 19.66 -7.90 10.23
CA SER B 25 20.91 -7.59 10.89
C SER B 25 20.60 -6.59 12.02
N GLY B 26 21.39 -6.61 13.08
CA GLY B 26 21.10 -5.73 14.20
C GLY B 26 20.15 -6.39 15.17
N PHE B 27 19.64 -7.56 14.78
CA PHE B 27 18.75 -8.38 15.60
C PHE B 27 18.69 -9.79 15.04
N ASN B 28 18.21 -10.73 15.83
CA ASN B 28 18.08 -12.12 15.40
C ASN B 28 16.62 -12.37 15.04
N ILE B 29 16.34 -13.01 13.92
CA ILE B 29 14.94 -13.24 13.55
C ILE B 29 14.19 -14.12 14.56
N LYS B 30 14.92 -14.80 15.44
CA LYS B 30 14.32 -15.66 16.47
C LYS B 30 13.68 -14.87 17.61
N ASP B 31 13.99 -13.58 17.69
CA ASP B 31 13.47 -12.70 18.75
C ASP B 31 12.06 -12.20 18.51
N THR B 32 11.56 -12.34 17.28
CA THR B 32 10.23 -11.85 16.98
C THR B 32 9.60 -12.66 15.86
N TYR B 33 8.49 -12.15 15.33
CA TYR B 33 7.80 -12.78 14.21
C TYR B 33 8.22 -12.07 12.94
N MET B 34 8.45 -12.84 11.89
CA MET B 34 8.82 -12.30 10.58
C MET B 34 7.58 -12.40 9.68
N HIS B 35 7.05 -11.25 9.26
CA HIS B 35 5.83 -11.15 8.45
C HIS B 35 6.09 -10.83 6.98
N TRP B 36 5.12 -11.17 6.16
CA TRP B 36 5.11 -10.84 4.74
C TRP B 36 3.80 -10.14 4.45
N VAL B 37 3.89 -9.00 3.78
CA VAL B 37 2.75 -8.15 3.47
C VAL B 37 2.78 -7.76 2.00
N LYS B 38 1.65 -7.91 1.33
CA LYS B 38 1.50 -7.58 -0.07
C LYS B 38 0.76 -6.28 -0.26
N GLN B 39 1.15 -5.54 -1.29
CA GLN B 39 0.49 -4.29 -1.61
C GLN B 39 0.54 -4.03 -3.11
N ARG B 40 -0.65 -4.03 -3.70
CA ARG B 40 -0.79 -3.78 -5.14
C ARG B 40 -0.71 -2.28 -5.34
N PRO B 41 -0.26 -1.83 -6.52
CA PRO B 41 -0.14 -0.39 -6.80
C PRO B 41 -1.34 0.47 -6.39
N GLU B 42 -1.10 1.40 -5.46
CA GLU B 42 -2.11 2.32 -4.93
C GLU B 42 -3.23 1.65 -4.12
N LYS B 43 -3.03 0.38 -3.74
CA LYS B 43 -4.04 -0.35 -2.95
C LYS B 43 -3.55 -0.50 -1.51
N GLY B 44 -4.29 -1.26 -0.71
CA GLY B 44 -3.91 -1.41 0.68
C GLY B 44 -2.99 -2.57 1.01
N LEU B 45 -2.56 -2.61 2.27
CA LEU B 45 -1.68 -3.65 2.76
C LEU B 45 -2.47 -4.94 2.99
N GLU B 46 -1.90 -6.07 2.58
CA GLU B 46 -2.52 -7.37 2.80
C GLU B 46 -1.55 -8.29 3.55
N TRP B 47 -1.92 -8.67 4.77
CA TRP B 47 -1.07 -9.54 5.57
C TRP B 47 -1.17 -10.96 5.02
N ILE B 48 -0.06 -11.49 4.54
CA ILE B 48 -0.03 -12.84 3.99
C ILE B 48 0.09 -13.83 5.14
N GLY B 49 1.00 -13.53 6.07
CA GLY B 49 1.21 -14.40 7.21
C GLY B 49 2.54 -14.08 7.87
N ARG B 50 2.95 -14.96 8.78
CA ARG B 50 4.21 -14.79 9.48
C ARG B 50 4.78 -16.12 9.95
N ILE B 51 6.02 -16.04 10.37
CA ILE B 51 6.69 -17.20 10.91
C ILE B 51 7.41 -16.80 12.19
N ASP B 52 7.39 -17.72 13.15
CA ASP B 52 8.13 -17.56 14.40
C ASP B 52 9.35 -18.41 14.16
N PRO B 53 10.46 -17.80 13.71
CA PRO B 53 11.68 -18.57 13.43
C PRO B 53 12.21 -19.43 14.59
N ALA B 54 11.99 -18.99 15.82
CA ALA B 54 12.45 -19.73 17.00
C ALA B 54 11.72 -21.07 17.12
N SER B 55 10.44 -21.10 16.73
CA SER B 55 9.63 -22.31 16.82
C SER B 55 9.19 -22.86 15.46
N GLY B 56 9.60 -22.22 14.36
CA GLY B 56 9.21 -22.68 13.02
C GLY B 56 7.73 -22.58 12.72
N ASN B 57 6.95 -22.23 13.74
CA ASN B 57 5.50 -22.08 13.66
C ASN B 57 5.09 -20.97 12.68
N THR B 58 4.28 -21.32 11.67
CA THR B 58 3.80 -20.36 10.67
C THR B 58 2.28 -20.12 10.75
N LYS B 59 1.88 -18.91 10.37
CA LYS B 59 0.49 -18.52 10.35
C LYS B 59 0.20 -17.83 9.03
N TYR B 60 -1.01 -18.00 8.50
CA TYR B 60 -1.36 -17.41 7.21
C TYR B 60 -2.77 -16.88 7.17
N ASP B 61 -3.00 -15.93 6.29
CA ASP B 61 -4.36 -15.53 6.06
C ASP B 61 -4.84 -16.61 5.09
N PRO B 62 -6.02 -17.21 5.35
CA PRO B 62 -6.53 -18.25 4.46
C PRO B 62 -6.43 -17.93 2.95
N LYS B 63 -6.68 -16.67 2.59
CA LYS B 63 -6.62 -16.25 1.19
C LYS B 63 -5.28 -16.53 0.51
N PHE B 64 -4.23 -16.71 1.31
CA PHE B 64 -2.90 -16.97 0.76
C PHE B 64 -2.35 -18.38 1.01
N GLN B 65 -3.06 -19.20 1.78
CA GLN B 65 -2.58 -20.53 2.14
C GLN B 65 -2.10 -21.42 0.98
N ASP B 66 -2.69 -21.28 -0.20
CA ASP B 66 -2.27 -22.13 -1.32
C ASP B 66 -1.34 -21.41 -2.30
N LYS B 67 -1.10 -20.14 -2.03
CA LYS B 67 -0.25 -19.30 -2.85
C LYS B 67 1.12 -19.07 -2.22
N ALA B 68 1.15 -18.81 -0.93
CA ALA B 68 2.39 -18.49 -0.25
C ALA B 68 2.86 -19.48 0.78
N THR B 69 4.18 -19.50 0.93
CA THR B 69 4.87 -20.33 1.91
C THR B 69 5.98 -19.53 2.55
N ILE B 70 5.84 -19.27 3.84
CA ILE B 70 6.83 -18.52 4.59
C ILE B 70 7.72 -19.47 5.35
N THR B 71 9.02 -19.25 5.21
CA THR B 71 10.01 -20.06 5.89
C THR B 71 11.11 -19.15 6.44
N ALA B 72 11.99 -19.72 7.24
CA ALA B 72 13.09 -18.97 7.82
C ALA B 72 14.24 -19.91 8.07
N ASP B 73 15.43 -19.45 7.70
CA ASP B 73 16.63 -20.23 7.94
C ASP B 73 17.32 -19.54 9.10
N THR B 74 16.93 -19.88 10.33
CA THR B 74 17.53 -19.23 11.49
C THR B 74 19.07 -19.29 11.47
N SER B 75 19.62 -20.20 10.66
CA SER B 75 21.06 -20.34 10.51
C SER B 75 21.67 -19.34 9.50
N SER B 76 20.89 -18.37 9.03
CA SER B 76 21.38 -17.34 8.10
C SER B 76 20.73 -15.95 8.38
N ASN B 77 19.85 -15.91 9.39
CA ASN B 77 19.12 -14.70 9.79
C ASN B 77 18.29 -14.13 8.63
N THR B 78 17.72 -15.05 7.85
CA THR B 78 16.94 -14.70 6.68
C THR B 78 15.59 -15.40 6.67
N ALA B 79 14.57 -14.63 6.34
CA ALA B 79 13.22 -15.14 6.20
C ALA B 79 12.91 -15.15 4.71
N TYR B 80 11.96 -15.99 4.29
CA TYR B 80 11.63 -16.12 2.88
C TYR B 80 10.13 -16.22 2.66
N LEU B 81 9.74 -15.82 1.45
CA LEU B 81 8.37 -15.90 0.98
C LEU B 81 8.40 -16.55 -0.39
N GLN B 82 7.72 -17.68 -0.52
CA GLN B 82 7.66 -18.39 -1.78
C GLN B 82 6.23 -18.33 -2.31
N LEU B 83 6.10 -17.85 -3.55
CA LEU B 83 4.82 -17.72 -4.22
C LEU B 83 4.79 -18.67 -5.41
N SER B 84 3.72 -19.43 -5.52
CA SER B 84 3.56 -20.46 -6.56
C SER B 84 2.48 -20.13 -7.59
N SER B 85 2.56 -20.77 -8.76
CA SER B 85 1.58 -20.59 -9.84
C SER B 85 1.17 -19.13 -9.99
N LEU B 86 2.17 -18.31 -10.30
CA LEU B 86 1.99 -16.88 -10.44
C LEU B 86 1.04 -16.44 -11.56
N THR B 87 0.24 -15.42 -11.25
CA THR B 87 -0.69 -14.84 -12.18
C THR B 87 -0.49 -13.34 -12.10
N SER B 88 -1.12 -12.57 -12.98
CA SER B 88 -1.00 -11.12 -12.96
C SER B 88 -1.51 -10.54 -11.62
N GLU B 89 -2.30 -11.32 -10.89
CA GLU B 89 -2.83 -10.90 -9.60
C GLU B 89 -1.75 -10.87 -8.51
N ASP B 90 -0.63 -11.50 -8.77
CA ASP B 90 0.48 -11.54 -7.83
C ASP B 90 1.44 -10.39 -8.04
N THR B 91 1.27 -9.66 -9.13
CA THR B 91 2.14 -8.50 -9.38
C THR B 91 1.90 -7.50 -8.28
N ALA B 92 2.94 -7.21 -7.51
CA ALA B 92 2.81 -6.28 -6.40
C ALA B 92 4.14 -6.07 -5.71
N VAL B 93 4.10 -5.26 -4.66
CA VAL B 93 5.26 -5.03 -3.83
C VAL B 93 5.04 -5.92 -2.60
N TYR B 94 6.11 -6.63 -2.21
CA TYR B 94 6.05 -7.49 -1.05
C TYR B 94 7.02 -7.00 0.02
N TYR B 95 6.49 -6.74 1.20
CA TYR B 95 7.28 -6.28 2.33
C TYR B 95 7.45 -7.37 3.36
N CYS B 96 8.62 -7.42 3.98
CA CYS B 96 8.83 -8.32 5.10
C CYS B 96 8.96 -7.39 6.29
N ALA B 97 8.61 -7.86 7.47
CA ALA B 97 8.72 -7.02 8.64
C ALA B 97 8.93 -7.88 9.87
N GLY B 98 9.67 -7.36 10.84
CA GLY B 98 9.91 -8.10 12.04
C GLY B 98 9.22 -7.40 13.18
N TYR B 99 8.23 -8.06 13.80
CA TYR B 99 7.54 -7.45 14.91
C TYR B 99 6.54 -8.36 15.58
N ASP B 100 6.23 -8.05 16.84
CA ASP B 100 5.17 -8.75 17.53
C ASP B 100 4.28 -7.74 18.24
N TYR B 101 4.09 -7.88 19.54
CA TYR B 101 3.20 -7.01 20.28
C TYR B 101 3.76 -5.68 20.79
N GLY B 102 5.04 -5.38 20.59
CA GLY B 102 5.56 -4.15 21.20
C GLY B 102 6.15 -3.10 20.29
N ASN B 103 7.03 -2.27 20.86
CA ASN B 103 7.66 -1.19 20.09
C ASN B 103 8.66 -1.72 19.08
N PHE B 104 9.15 -2.95 19.26
CA PHE B 104 10.07 -3.45 18.25
C PHE B 104 9.27 -3.78 17.00
N ASP B 105 9.48 -3.01 15.94
CA ASP B 105 8.72 -3.19 14.71
C ASP B 105 9.50 -2.54 13.56
N TYR B 106 10.10 -3.37 12.71
CA TYR B 106 10.91 -2.88 11.59
C TYR B 106 10.48 -3.54 10.28
N TRP B 107 10.43 -2.74 9.21
CA TRP B 107 10.02 -3.21 7.90
C TRP B 107 11.16 -3.10 6.87
N GLY B 108 11.17 -4.02 5.91
CA GLY B 108 12.17 -3.97 4.85
C GLY B 108 11.76 -2.92 3.84
N GLN B 109 12.55 -2.76 2.77
CA GLN B 109 12.27 -1.75 1.76
C GLN B 109 11.27 -2.21 0.69
N GLY B 110 10.88 -3.48 0.76
CA GLY B 110 9.94 -4.03 -0.19
C GLY B 110 10.60 -4.55 -1.46
N THR B 111 9.93 -5.52 -2.08
CA THR B 111 10.40 -6.12 -3.33
C THR B 111 9.26 -6.05 -4.34
N THR B 112 9.56 -5.55 -5.53
CA THR B 112 8.57 -5.44 -6.57
C THR B 112 8.62 -6.67 -7.45
N LEU B 113 7.50 -7.36 -7.55
CA LEU B 113 7.35 -8.55 -8.38
C LEU B 113 6.41 -8.24 -9.54
N THR B 114 6.88 -8.48 -10.75
CA THR B 114 6.07 -8.30 -11.93
C THR B 114 5.93 -9.67 -12.59
N VAL B 115 4.69 -10.09 -12.78
CA VAL B 115 4.39 -11.34 -13.45
C VAL B 115 3.94 -11.03 -14.87
N SER B 116 4.72 -11.44 -15.86
CA SER B 116 4.36 -11.16 -17.24
C SER B 116 5.07 -12.09 -18.20
N SER B 117 4.45 -12.32 -19.36
CA SER B 117 5.01 -13.17 -20.40
C SER B 117 5.82 -12.33 -21.38
N ALA B 118 5.81 -11.01 -21.17
CA ALA B 118 6.43 -10.06 -22.08
C ALA B 118 7.94 -10.14 -22.17
N GLU B 119 8.44 -9.69 -23.32
CA GLU B 119 9.85 -9.60 -23.60
C GLU B 119 10.17 -8.14 -23.72
N THR B 120 11.43 -7.76 -23.50
CA THR B 120 11.80 -6.37 -23.60
C THR B 120 11.32 -5.82 -24.93
N THR B 121 10.54 -4.75 -24.86
CA THR B 121 9.97 -4.12 -26.02
C THR B 121 10.05 -2.61 -25.87
N PRO B 122 10.57 -1.94 -26.90
CA PRO B 122 10.70 -0.48 -26.89
C PRO B 122 9.35 0.19 -27.14
N PRO B 123 9.17 1.40 -26.62
CA PRO B 123 7.93 2.13 -26.80
C PRO B 123 7.82 2.84 -28.15
N SER B 124 6.58 3.06 -28.54
CA SER B 124 6.25 3.84 -29.71
C SER B 124 5.77 5.15 -29.08
N VAL B 125 6.33 6.25 -29.55
CA VAL B 125 5.97 7.55 -29.00
C VAL B 125 5.20 8.34 -30.05
N TYR B 126 3.96 8.67 -29.71
CA TYR B 126 3.10 9.39 -30.63
C TYR B 126 2.81 10.77 -30.08
N PRO B 127 2.82 11.79 -30.95
CA PRO B 127 2.54 13.16 -30.51
C PRO B 127 1.04 13.37 -30.38
N LEU B 128 0.68 14.16 -29.39
CA LEU B 128 -0.71 14.53 -29.16
C LEU B 128 -0.82 16.03 -29.41
N ALA B 129 -1.19 16.39 -30.64
CA ALA B 129 -1.32 17.79 -31.05
C ALA B 129 -2.78 18.22 -31.05
N PRO B 130 -3.05 19.45 -30.64
CA PRO B 130 -4.40 20.01 -30.58
C PRO B 130 -5.02 20.41 -31.91
N GLY B 131 -6.32 20.21 -32.04
CA GLY B 131 -7.02 20.65 -33.25
C GLY B 131 -7.21 22.16 -33.15
N THR B 132 -7.55 22.82 -34.26
CA THR B 132 -7.73 24.28 -34.29
C THR B 132 -8.62 24.82 -33.17
N ALA B 133 -9.73 24.14 -32.92
CA ALA B 133 -10.69 24.58 -31.91
C ALA B 133 -10.12 24.64 -30.50
N ALA B 134 -9.22 23.71 -30.17
CA ALA B 134 -8.62 23.67 -28.84
C ALA B 134 -7.42 24.62 -28.72
N LEU B 135 -7.04 25.23 -29.84
CA LEU B 135 -5.89 26.11 -29.91
C LEU B 135 -6.24 27.57 -29.63
N LYS B 136 -7.52 27.93 -29.62
CA LYS B 136 -7.80 29.34 -29.39
C LYS B 136 -8.42 29.70 -28.04
N SER B 137 -7.66 29.33 -27.02
CA SER B 137 -7.96 29.61 -25.64
C SER B 137 -6.66 30.14 -25.03
N SER B 138 -6.70 30.75 -23.85
CA SER B 138 -5.50 31.28 -23.21
C SER B 138 -4.35 30.25 -23.20
N MET B 139 -4.66 29.04 -22.74
CA MET B 139 -3.66 27.98 -22.66
C MET B 139 -3.99 26.89 -23.65
N VAL B 140 -2.99 26.09 -24.00
CA VAL B 140 -3.18 24.99 -24.93
C VAL B 140 -2.49 23.74 -24.39
N THR B 141 -3.17 22.61 -24.52
CA THR B 141 -2.67 21.34 -24.01
C THR B 141 -2.14 20.43 -25.10
N LEU B 142 -0.90 20.00 -24.91
CA LEU B 142 -0.22 19.09 -25.83
C LEU B 142 0.14 17.82 -25.07
N GLY B 143 0.61 16.80 -25.77
CA GLY B 143 0.97 15.60 -25.07
C GLY B 143 1.72 14.61 -25.92
N CYS B 144 2.07 13.51 -25.26
CA CYS B 144 2.76 12.40 -25.89
C CYS B 144 2.23 11.10 -25.34
N LEU B 145 1.97 10.16 -26.24
CA LEU B 145 1.47 8.85 -25.89
C LEU B 145 2.61 7.86 -26.07
N VAL B 146 2.98 7.19 -24.98
CA VAL B 146 4.04 6.21 -24.98
C VAL B 146 3.38 4.83 -24.85
N LYS B 147 3.40 4.06 -25.92
CA LYS B 147 2.69 2.78 -25.96
C LYS B 147 3.51 1.54 -26.36
N GLY B 148 3.02 0.41 -25.87
CA GLY B 148 3.56 -0.91 -26.18
C GLY B 148 4.95 -1.26 -25.75
N TYR B 149 5.39 -0.79 -24.59
CA TYR B 149 6.73 -1.12 -24.17
C TYR B 149 6.74 -2.07 -22.97
N PHE B 150 7.91 -2.61 -22.71
CA PHE B 150 8.13 -3.49 -21.59
C PHE B 150 9.63 -3.62 -21.36
N PRO B 151 10.06 -3.56 -20.11
CA PRO B 151 9.20 -3.35 -18.93
C PRO B 151 9.30 -1.89 -18.45
N GLU B 152 8.85 -1.64 -17.24
CA GLU B 152 8.98 -0.33 -16.63
C GLU B 152 10.47 -0.20 -16.23
N PRO B 153 11.00 1.02 -16.09
CA PRO B 153 10.33 2.30 -16.28
C PRO B 153 10.64 3.00 -17.59
N VAL B 154 9.84 4.02 -17.83
CA VAL B 154 9.96 4.91 -18.95
C VAL B 154 9.91 6.29 -18.35
N THR B 155 10.81 7.17 -18.78
CA THR B 155 10.84 8.53 -18.25
C THR B 155 10.43 9.53 -19.32
N VAL B 156 9.77 10.59 -18.91
CA VAL B 156 9.33 11.64 -19.82
C VAL B 156 9.65 13.03 -19.29
N THR B 157 10.16 13.88 -20.18
CA THR B 157 10.39 15.29 -19.86
C THR B 157 9.94 16.10 -21.06
N TRP B 158 9.77 17.40 -20.86
CA TRP B 158 9.37 18.30 -21.91
C TRP B 158 10.45 19.36 -22.07
N ASN B 159 10.86 19.56 -23.33
CA ASN B 159 11.93 20.50 -23.66
C ASN B 159 13.17 20.30 -22.79
N SER B 160 13.60 19.04 -22.73
CA SER B 160 14.79 18.65 -21.98
C SER B 160 14.70 19.03 -20.51
N GLY B 161 13.47 19.16 -20.00
CA GLY B 161 13.29 19.50 -18.59
C GLY B 161 13.05 20.97 -18.30
N SER B 162 13.21 21.83 -19.31
CA SER B 162 12.99 23.26 -19.08
C SER B 162 11.50 23.56 -18.95
N LEU B 163 10.66 22.66 -19.45
CA LEU B 163 9.22 22.81 -19.34
C LEU B 163 8.78 21.85 -18.24
N SER B 164 8.76 22.35 -17.00
CA SER B 164 8.41 21.54 -15.84
C SER B 164 7.03 21.82 -15.27
N SER B 165 6.62 23.07 -15.28
CA SER B 165 5.31 23.42 -14.77
C SER B 165 4.23 23.07 -15.77
N GLY B 166 3.06 22.73 -15.28
CA GLY B 166 1.96 22.39 -16.16
C GLY B 166 2.06 21.02 -16.80
N VAL B 167 2.90 20.14 -16.28
CA VAL B 167 2.96 18.81 -16.88
C VAL B 167 2.38 17.74 -15.98
N HIS B 168 1.72 16.79 -16.63
CA HIS B 168 1.12 15.65 -15.95
C HIS B 168 1.61 14.39 -16.64
N THR B 169 2.51 13.66 -15.99
CA THR B 169 3.00 12.39 -16.52
C THR B 169 2.30 11.29 -15.72
N PHE B 170 1.45 10.55 -16.41
CA PHE B 170 0.62 9.53 -15.80
C PHE B 170 1.32 8.21 -15.57
N PRO B 171 0.94 7.53 -14.48
CA PRO B 171 1.52 6.23 -14.12
C PRO B 171 1.28 5.24 -15.25
N ALA B 172 2.29 4.45 -15.56
CA ALA B 172 2.14 3.46 -16.60
C ALA B 172 1.15 2.40 -16.16
N VAL B 173 0.42 1.84 -17.11
CA VAL B 173 -0.55 0.80 -16.82
C VAL B 173 -0.25 -0.37 -17.73
N LEU B 174 -0.15 -1.55 -17.13
CA LEU B 174 0.13 -2.81 -17.83
C LEU B 174 -1.16 -3.40 -18.35
N GLN B 175 -1.27 -3.56 -19.66
CA GLN B 175 -2.46 -4.13 -20.24
C GLN B 175 -2.08 -5.09 -21.35
N SER B 176 -2.44 -6.37 -21.20
CA SER B 176 -2.10 -7.42 -22.17
C SER B 176 -0.60 -7.55 -22.38
N ASP B 177 0.12 -7.45 -21.27
CA ASP B 177 1.58 -7.59 -21.22
C ASP B 177 2.40 -6.49 -21.86
N LEU B 178 1.81 -5.31 -22.01
CA LEU B 178 2.55 -4.17 -22.56
C LEU B 178 2.09 -2.92 -21.81
N TYR B 179 3.01 -2.04 -21.52
CA TYR B 179 2.69 -0.82 -20.77
C TYR B 179 2.35 0.32 -21.70
N THR B 180 1.48 1.20 -21.20
CA THR B 180 1.10 2.43 -21.86
C THR B 180 1.19 3.53 -20.81
N LEU B 181 1.73 4.66 -21.24
CA LEU B 181 1.90 5.83 -20.41
C LEU B 181 1.63 7.04 -21.29
N THR B 182 1.27 8.16 -20.67
CA THR B 182 1.01 9.39 -21.41
C THR B 182 1.41 10.55 -20.57
N SER B 183 1.66 11.68 -21.22
CA SER B 183 2.05 12.88 -20.51
C SER B 183 1.47 14.04 -21.24
N SER B 184 0.98 15.02 -20.48
CA SER B 184 0.43 16.22 -21.05
C SER B 184 1.17 17.40 -20.49
N VAL B 185 1.21 18.47 -21.26
CA VAL B 185 1.83 19.72 -20.86
C VAL B 185 0.96 20.83 -21.40
N THR B 186 0.71 21.84 -20.56
CA THR B 186 -0.11 22.97 -20.95
C THR B 186 0.73 24.22 -20.95
N VAL B 187 0.76 24.89 -22.09
CA VAL B 187 1.56 26.09 -22.28
C VAL B 187 0.69 27.22 -22.85
N PRO B 188 1.18 28.46 -22.77
CA PRO B 188 0.41 29.60 -23.30
C PRO B 188 0.32 29.46 -24.81
N SER B 189 -0.84 29.76 -25.38
CA SER B 189 -1.03 29.68 -26.84
C SER B 189 -0.05 30.55 -27.62
N SER B 190 0.58 31.51 -26.95
CA SER B 190 1.54 32.38 -27.61
C SER B 190 2.92 31.71 -27.76
N THR B 191 3.12 30.58 -27.10
CA THR B 191 4.41 29.89 -27.15
C THR B 191 4.42 28.71 -28.12
N TRP B 192 3.25 28.18 -28.48
CA TRP B 192 3.19 27.05 -29.40
C TRP B 192 2.10 27.31 -30.43
N PRO B 193 2.36 26.98 -31.70
CA PRO B 193 3.60 26.38 -32.21
C PRO B 193 4.71 27.32 -32.60
N SER B 194 4.54 28.62 -32.34
CA SER B 194 5.58 29.57 -32.68
C SER B 194 6.94 29.08 -32.17
N GLN B 195 6.98 28.63 -30.91
CA GLN B 195 8.21 28.11 -30.34
C GLN B 195 8.03 26.60 -30.15
N THR B 196 9.12 25.84 -30.16
CA THR B 196 9.02 24.38 -30.10
C THR B 196 8.72 23.76 -28.73
N VAL B 197 8.04 22.63 -28.79
CA VAL B 197 7.67 21.80 -27.64
C VAL B 197 7.95 20.35 -28.02
N THR B 198 8.81 19.69 -27.27
CA THR B 198 9.12 18.30 -27.58
C THR B 198 9.17 17.47 -26.31
N CYS B 199 8.60 16.27 -26.39
CA CYS B 199 8.64 15.37 -25.25
C CYS B 199 9.80 14.43 -25.42
N ASN B 200 10.63 14.35 -24.39
CA ASN B 200 11.81 13.51 -24.39
C ASN B 200 11.48 12.25 -23.60
N VAL B 201 11.42 11.11 -24.27
CA VAL B 201 11.10 9.90 -23.54
C VAL B 201 12.22 8.91 -23.63
N ALA B 202 12.51 8.27 -22.51
CA ALA B 202 13.59 7.29 -22.46
C ALA B 202 13.13 5.99 -21.84
N HIS B 203 13.58 4.90 -22.45
CA HIS B 203 13.27 3.55 -21.99
C HIS B 203 14.61 2.80 -21.91
N PRO B 204 15.29 2.93 -20.77
CA PRO B 204 16.58 2.30 -20.51
C PRO B 204 16.70 0.86 -20.95
N ALA B 205 15.73 0.05 -20.55
CA ALA B 205 15.72 -1.38 -20.85
C ALA B 205 15.91 -1.70 -22.35
N SER B 206 15.48 -0.80 -23.24
CA SER B 206 15.66 -1.06 -24.68
C SER B 206 16.63 -0.07 -25.32
N SER B 207 17.35 0.67 -24.48
CA SER B 207 18.30 1.68 -24.97
C SER B 207 17.56 2.67 -25.89
N THR B 208 16.32 3.01 -25.51
CA THR B 208 15.50 3.92 -26.31
C THR B 208 15.51 5.36 -25.79
N LYS B 209 15.73 6.28 -26.70
CA LYS B 209 15.69 7.70 -26.40
C LYS B 209 15.01 8.39 -27.58
N VAL B 210 13.82 8.92 -27.33
CA VAL B 210 13.05 9.57 -28.38
C VAL B 210 12.75 11.02 -28.06
N ASP B 211 13.01 11.88 -29.03
CA ASP B 211 12.71 13.29 -28.88
C ASP B 211 11.62 13.59 -29.90
N LYS B 212 10.38 13.61 -29.43
CA LYS B 212 9.24 13.83 -30.30
C LYS B 212 8.76 15.29 -30.26
N LYS B 213 8.97 16.00 -31.37
CA LYS B 213 8.55 17.38 -31.47
C LYS B 213 7.07 17.37 -31.79
N ILE B 214 6.30 18.23 -31.13
CA ILE B 214 4.88 18.29 -31.37
C ILE B 214 4.64 19.35 -32.47
N VAL B 215 4.21 18.91 -33.65
CA VAL B 215 3.94 19.82 -34.78
C VAL B 215 2.43 19.89 -35.06
N PRO B 216 1.93 21.01 -35.62
CA PRO B 216 0.49 21.09 -35.88
C PRO B 216 0.11 19.90 -36.77
N ARG B 217 -1.06 19.32 -36.53
CA ARG B 217 -1.51 18.15 -37.31
C ARG B 217 -2.63 18.54 -38.27
N ASN B 218 -3.03 17.60 -39.12
CA ASN B 218 -4.15 17.86 -40.02
C ASN B 218 -5.34 18.35 -39.20
N CYS B 219 -5.88 19.51 -39.56
CA CYS B 219 -7.05 20.13 -38.91
C CYS B 219 -6.76 20.87 -37.59
N GLY B 220 -5.55 21.41 -37.44
CA GLY B 220 -5.24 22.15 -36.22
C GLY B 220 -4.13 23.15 -36.42
N GLY B 221 -4.39 24.26 -37.10
CA GLY B 221 -3.32 25.20 -37.35
C GLY B 221 -3.38 26.63 -36.83
N ASP B 222 -2.15 27.16 -36.83
CA ASP B 222 -1.67 28.49 -36.46
C ASP B 222 -0.22 28.21 -36.04
N CYS B 223 0.72 29.13 -36.22
CA CYS B 223 2.10 28.81 -35.83
C CYS B 223 2.99 30.06 -35.68
N GLY C 2 -6.97 -20.07 22.11
CA GLY C 2 -7.75 -20.96 22.96
C GLY C 2 -9.00 -20.31 23.52
N ASP C 3 -9.71 -21.08 24.33
CA ASP C 3 -10.94 -20.67 24.97
C ASP C 3 -10.65 -19.79 26.20
N VAL C 4 -10.89 -18.48 26.06
CA VAL C 4 -10.69 -17.52 27.13
C VAL C 4 -11.45 -17.89 28.42
N GLU C 5 -12.67 -18.40 28.25
CA GLU C 5 -13.55 -18.80 29.37
C GLU C 5 -12.93 -19.92 30.20
N LYS C 6 -12.48 -20.97 29.53
CA LYS C 6 -11.84 -22.09 30.21
C LYS C 6 -10.53 -21.61 30.85
N GLY C 7 -9.86 -20.71 30.14
CA GLY C 7 -8.61 -20.17 30.62
C GLY C 7 -8.74 -19.42 31.94
N LYS C 8 -9.85 -18.67 32.09
CA LYS C 8 -10.09 -17.91 33.32
C LYS C 8 -10.21 -18.83 34.54
N LYS C 9 -10.94 -19.93 34.38
CA LYS C 9 -11.11 -20.92 35.45
C LYS C 9 -9.75 -21.49 35.86
N ILE C 10 -8.93 -21.85 34.87
CA ILE C 10 -7.60 -22.38 35.16
C ILE C 10 -6.78 -21.35 35.96
N PHE C 11 -6.73 -20.12 35.47
CA PHE C 11 -5.98 -19.07 36.17
C PHE C 11 -6.49 -18.92 37.60
N VAL C 12 -7.79 -18.77 37.73
CA VAL C 12 -8.43 -18.59 39.04
C VAL C 12 -8.01 -19.69 40.02
N GLN C 13 -7.90 -20.90 39.50
CA GLN C 13 -7.54 -22.06 40.30
C GLN C 13 -6.04 -22.32 40.53
N LYS C 14 -5.21 -22.11 39.51
CA LYS C 14 -3.80 -22.43 39.65
C LYS C 14 -2.81 -21.27 39.70
N CYS C 15 -3.22 -20.04 39.37
CA CYS C 15 -2.25 -18.93 39.34
C CYS C 15 -2.55 -17.78 40.30
N ALA C 16 -3.84 -17.50 40.50
CA ALA C 16 -4.31 -16.38 41.32
C ALA C 16 -3.69 -16.29 42.71
N GLN C 17 -3.21 -17.40 43.25
CA GLN C 17 -2.60 -17.38 44.58
C GLN C 17 -1.32 -16.57 44.59
N CYS C 18 -0.67 -16.47 43.43
CA CYS C 18 0.60 -15.73 43.37
C CYS C 18 0.63 -14.63 42.32
N HIS C 19 -0.41 -14.53 41.48
CA HIS C 19 -0.41 -13.51 40.42
C HIS C 19 -1.73 -12.76 40.22
N THR C 20 -1.59 -11.48 39.89
CA THR C 20 -2.74 -10.64 39.53
C THR C 20 -2.56 -10.31 38.03
N VAL C 21 -3.64 -10.09 37.30
CA VAL C 21 -3.50 -9.81 35.86
C VAL C 21 -3.94 -8.42 35.45
N GLU C 22 -4.66 -7.73 36.32
CA GLU C 22 -5.19 -6.40 36.01
C GLU C 22 -4.15 -5.27 36.13
N LYS C 23 -4.43 -4.16 35.45
CA LYS C 23 -3.59 -2.98 35.48
C LYS C 23 -3.58 -2.43 36.90
N GLY C 24 -2.42 -2.06 37.40
CA GLY C 24 -2.34 -1.56 38.75
C GLY C 24 -2.38 -2.71 39.76
N GLY C 25 -2.48 -3.93 39.22
CA GLY C 25 -2.53 -5.15 40.01
C GLY C 25 -1.31 -5.27 40.90
N LYS C 26 -1.55 -5.64 42.14
CA LYS C 26 -0.49 -5.78 43.11
C LYS C 26 0.36 -7.02 42.88
N HIS C 27 1.62 -6.90 43.30
CA HIS C 27 2.57 -8.01 43.25
C HIS C 27 2.30 -8.88 44.47
N LYS C 28 2.26 -10.18 44.26
CA LYS C 28 2.05 -11.12 45.35
C LYS C 28 3.35 -11.90 45.47
N THR C 29 3.29 -13.24 45.49
CA THR C 29 4.51 -14.02 45.55
C THR C 29 5.21 -13.88 44.21
N GLY C 30 4.39 -13.75 43.17
CA GLY C 30 4.90 -13.56 41.83
C GLY C 30 4.51 -12.20 41.36
N PRO C 31 5.04 -11.73 40.23
CA PRO C 31 4.68 -10.39 39.74
C PRO C 31 3.34 -10.27 39.03
N ASN C 32 2.78 -9.06 39.08
CA ASN C 32 1.56 -8.72 38.38
C ASN C 32 1.88 -8.97 36.92
N LEU C 33 0.92 -9.50 36.17
CA LEU C 33 1.16 -9.86 34.78
C LEU C 33 0.55 -8.91 33.75
N HIS C 34 0.07 -7.73 34.14
CA HIS C 34 -0.49 -6.85 33.13
C HIS C 34 0.60 -6.37 32.17
N GLY C 35 0.29 -6.38 30.86
CA GLY C 35 1.25 -5.95 29.85
C GLY C 35 2.21 -7.08 29.46
N LEU C 36 1.89 -8.30 29.89
CA LEU C 36 2.71 -9.49 29.64
C LEU C 36 3.09 -9.68 28.17
N PHE C 37 2.10 -9.67 27.28
CA PHE C 37 2.40 -9.91 25.87
C PHE C 37 3.29 -8.85 25.25
N GLY C 38 4.42 -9.29 24.71
CA GLY C 38 5.35 -8.38 24.10
C GLY C 38 6.44 -7.94 25.06
N ARG C 39 6.27 -8.25 26.34
CA ARG C 39 7.24 -7.84 27.35
C ARG C 39 8.32 -8.90 27.54
N LYS C 40 9.54 -8.43 27.76
CA LYS C 40 10.66 -9.33 27.97
C LYS C 40 10.55 -9.92 29.37
N THR C 41 11.22 -11.04 29.61
CA THR C 41 11.20 -11.68 30.91
C THR C 41 11.78 -10.77 31.98
N GLY C 42 11.19 -10.85 33.18
CA GLY C 42 11.66 -10.08 34.32
C GLY C 42 11.56 -8.58 34.20
N GLN C 43 10.51 -8.05 33.57
CA GLN C 43 10.46 -6.61 33.44
C GLN C 43 9.29 -5.93 34.14
N ALA C 44 8.45 -6.67 34.87
CA ALA C 44 7.35 -6.02 35.57
C ALA C 44 7.96 -5.09 36.62
N PRO C 45 7.74 -3.77 36.48
CA PRO C 45 8.29 -2.80 37.43
C PRO C 45 7.85 -3.08 38.87
N GLY C 46 8.76 -2.87 39.81
CA GLY C 46 8.43 -3.07 41.21
C GLY C 46 8.67 -4.47 41.75
N PHE C 47 8.87 -5.47 40.88
CA PHE C 47 9.10 -6.82 41.37
C PHE C 47 10.58 -7.22 41.31
N THR C 48 11.04 -7.96 42.32
CA THR C 48 12.42 -8.43 42.38
C THR C 48 12.50 -9.90 41.94
N TYR C 49 12.92 -10.13 40.69
CA TYR C 49 13.03 -11.47 40.12
C TYR C 49 14.37 -12.10 40.41
N THR C 50 14.45 -13.39 40.19
CA THR C 50 15.74 -14.08 40.30
C THR C 50 16.51 -13.61 39.06
N ASP C 51 17.82 -13.82 39.06
CA ASP C 51 18.59 -13.43 37.89
C ASP C 51 18.23 -14.35 36.71
N ALA C 52 17.79 -15.56 37.02
CA ALA C 52 17.37 -16.52 36.00
C ALA C 52 16.20 -15.95 35.20
N ASN C 53 15.16 -15.53 35.91
CA ASN C 53 13.99 -14.94 35.26
C ASN C 53 14.40 -13.63 34.57
N LYS C 54 15.18 -12.81 35.27
CA LYS C 54 15.65 -11.52 34.78
C LYS C 54 16.44 -11.58 33.48
N ASN C 55 17.28 -12.61 33.33
CA ASN C 55 18.15 -12.71 32.16
C ASN C 55 17.81 -13.76 31.13
N LYS C 56 16.62 -14.36 31.21
CA LYS C 56 16.22 -15.38 30.24
C LYS C 56 16.27 -14.83 28.80
N GLY C 57 16.09 -13.51 28.66
CA GLY C 57 16.15 -12.86 27.35
C GLY C 57 15.13 -13.37 26.34
N ILE C 58 13.89 -13.45 26.77
CA ILE C 58 12.80 -13.94 25.94
C ILE C 58 11.62 -12.97 26.02
N THR C 59 10.82 -12.90 24.97
CA THR C 59 9.65 -12.04 24.94
C THR C 59 8.43 -12.92 25.14
N TRP C 60 7.54 -12.53 26.03
CA TRP C 60 6.36 -13.32 26.29
C TRP C 60 5.36 -13.17 25.16
N LYS C 61 4.88 -14.31 24.70
CA LYS C 61 3.89 -14.41 23.63
C LYS C 61 3.37 -15.85 23.62
N GLU C 62 2.47 -16.17 22.70
CA GLU C 62 1.92 -17.53 22.65
C GLU C 62 2.97 -18.64 22.67
N GLU C 63 3.99 -18.56 21.83
CA GLU C 63 4.97 -19.64 21.75
C GLU C 63 5.82 -19.80 23.00
N THR C 64 6.26 -18.69 23.59
CA THR C 64 7.11 -18.78 24.77
C THR C 64 6.31 -19.27 26.00
N LEU C 65 5.15 -18.69 26.23
CA LEU C 65 4.30 -19.08 27.36
C LEU C 65 3.91 -20.55 27.25
N MET C 66 3.71 -21.04 26.02
CA MET C 66 3.33 -22.42 25.80
C MET C 66 4.40 -23.36 26.35
N GLU C 67 5.65 -23.02 26.07
CA GLU C 67 6.79 -23.81 26.55
C GLU C 67 7.00 -23.61 28.06
N TYR C 68 6.91 -22.36 28.51
CA TYR C 68 7.12 -22.03 29.92
C TYR C 68 6.12 -22.72 30.83
N LEU C 69 4.85 -22.53 30.55
CA LEU C 69 3.77 -23.08 31.36
C LEU C 69 3.72 -24.60 31.36
N GLU C 70 4.35 -25.23 30.38
CA GLU C 70 4.37 -26.70 30.33
C GLU C 70 5.34 -27.23 31.40
N ASN C 71 6.44 -26.53 31.59
CA ASN C 71 7.44 -26.90 32.58
C ASN C 71 8.32 -25.69 32.85
N PRO C 72 7.88 -24.82 33.77
CA PRO C 72 8.59 -23.59 34.15
C PRO C 72 10.08 -23.72 34.48
N LYS C 73 10.43 -24.64 35.37
CA LYS C 73 11.84 -24.75 35.76
C LYS C 73 12.72 -25.25 34.61
N LYS C 74 12.14 -26.00 33.68
CA LYS C 74 12.94 -26.47 32.57
C LYS C 74 13.23 -25.30 31.63
N TYR C 75 12.22 -24.44 31.44
CA TYR C 75 12.35 -23.27 30.58
C TYR C 75 13.22 -22.19 31.21
N ILE C 76 13.08 -21.99 32.51
CA ILE C 76 13.86 -20.98 33.24
C ILE C 76 14.50 -21.60 34.50
N PRO C 77 15.58 -22.39 34.32
CA PRO C 77 16.27 -23.03 35.44
C PRO C 77 16.65 -22.01 36.53
N GLY C 78 16.30 -22.32 37.78
CA GLY C 78 16.61 -21.44 38.89
C GLY C 78 15.45 -20.53 39.25
N THR C 79 14.40 -20.58 38.46
CA THR C 79 13.23 -19.75 38.72
C THR C 79 12.75 -20.02 40.12
N LYS C 80 12.21 -19.00 40.77
CA LYS C 80 11.65 -19.23 42.09
C LYS C 80 10.13 -19.41 42.02
N MET C 81 9.62 -19.61 40.81
CA MET C 81 8.18 -19.85 40.62
C MET C 81 7.96 -21.33 40.89
N ILE C 82 7.21 -21.64 41.95
CA ILE C 82 6.93 -23.04 42.29
C ILE C 82 5.64 -23.49 41.62
N PHE C 83 5.80 -24.15 40.48
CA PHE C 83 4.70 -24.67 39.70
C PHE C 83 5.26 -25.77 38.80
N ALA C 84 4.68 -26.96 38.87
CA ALA C 84 5.16 -28.11 38.10
C ALA C 84 4.87 -28.03 36.61
N GLY C 85 3.82 -27.30 36.23
CA GLY C 85 3.49 -27.18 34.84
C GLY C 85 2.10 -27.71 34.48
N ILE C 86 1.65 -27.33 33.30
CA ILE C 86 0.37 -27.76 32.75
C ILE C 86 0.71 -28.66 31.56
N LYS C 87 0.41 -29.95 31.68
CA LYS C 87 0.75 -30.90 30.63
C LYS C 87 -0.13 -30.84 29.38
N LYS C 88 -1.44 -30.81 29.53
CA LYS C 88 -2.33 -30.77 28.36
C LYS C 88 -2.22 -29.48 27.54
N LYS C 89 -1.86 -29.65 26.27
CA LYS C 89 -1.67 -28.57 25.30
C LYS C 89 -2.88 -27.64 25.20
N THR C 90 -4.07 -28.22 25.15
CA THR C 90 -5.30 -27.44 25.06
C THR C 90 -5.55 -26.60 26.32
N GLU C 91 -5.09 -27.07 27.46
CA GLU C 91 -5.26 -26.32 28.70
C GLU C 91 -4.31 -25.11 28.71
N ARG C 92 -3.11 -25.30 28.18
CA ARG C 92 -2.16 -24.20 28.09
C ARG C 92 -2.68 -23.16 27.09
N GLU C 93 -3.27 -23.63 25.99
CA GLU C 93 -3.82 -22.74 24.99
C GLU C 93 -4.92 -21.88 25.56
N ASP C 94 -5.89 -22.50 26.23
CA ASP C 94 -7.00 -21.75 26.82
C ASP C 94 -6.51 -20.77 27.88
N LEU C 95 -5.60 -21.22 28.74
CA LEU C 95 -5.04 -20.35 29.78
C LEU C 95 -4.34 -19.15 29.12
N ILE C 96 -3.51 -19.44 28.12
CA ILE C 96 -2.79 -18.41 27.39
C ILE C 96 -3.75 -17.40 26.74
N ALA C 97 -4.86 -17.88 26.19
CA ALA C 97 -5.85 -16.98 25.59
C ALA C 97 -6.42 -16.04 26.66
N TYR C 98 -6.65 -16.57 27.85
CA TYR C 98 -7.16 -15.74 28.94
C TYR C 98 -6.14 -14.69 29.33
N LEU C 99 -4.90 -15.11 29.46
CA LEU C 99 -3.84 -14.18 29.81
C LEU C 99 -3.75 -13.08 28.77
N LYS C 100 -3.82 -13.44 27.49
CA LYS C 100 -3.74 -12.43 26.43
C LYS C 100 -4.78 -11.32 26.67
N LYS C 101 -6.02 -11.72 26.91
CA LYS C 101 -7.10 -10.77 27.14
C LYS C 101 -6.94 -10.00 28.45
N ALA C 102 -6.96 -10.73 29.57
CA ALA C 102 -6.90 -10.15 30.90
C ALA C 102 -5.72 -9.22 31.15
N THR C 103 -4.56 -9.53 30.59
CA THR C 103 -3.39 -8.70 30.84
C THR C 103 -3.30 -7.48 29.93
N ASN C 104 -4.24 -7.31 29.02
CA ASN C 104 -4.18 -6.17 28.10
C ASN C 104 -5.39 -5.25 28.19
N GLU C 105 -6.35 -5.59 29.05
CA GLU C 105 -7.56 -4.79 29.20
C GLU C 105 -7.66 -4.16 30.58
#